data_6JZF
#
_entry.id   6JZF
#
_cell.length_a   44.128
_cell.length_b   121.669
_cell.length_c   130.206
_cell.angle_alpha   90.00
_cell.angle_beta   90.00
_cell.angle_gamma   90.00
#
_symmetry.space_group_name_H-M   'C 2 2 21'
#
loop_
_entity.id
_entity.type
_entity.pdbx_description
1 polymer 'Plastid division protein CDP1, chloroplastic'
2 water water
#
_entity_poly.entity_id   1
_entity_poly.type   'polypeptide(L)'
_entity_poly.pdbx_seq_one_letter_code
;NGIVGNIKVLIDMLKMHCGEHPDALYLKSSGQSATSLSHSASELHKRPMDTEEAEELVRQWENVKAEALGPTHQVYSLSE
VLDESMLVQWQTLAQTAEAKSCYWRFVLLHLEVLQAHIFEDGIAGEAAEIEALLEEAAELVDESQPKNAKYYSTYKIRYI
LKKQEDGLWKFCQSDIQIQK
;
_entity_poly.pdbx_strand_id   A,B
#
# COMPACT_ATOMS: atom_id res chain seq x y z
N GLY A 2 -12.41 24.46 -1.60
CA GLY A 2 -13.22 23.30 -1.32
C GLY A 2 -12.66 22.02 -1.92
N ILE A 3 -11.48 21.63 -1.47
CA ILE A 3 -10.80 20.44 -1.99
C ILE A 3 -11.27 19.23 -1.22
N VAL A 4 -11.71 18.20 -1.95
CA VAL A 4 -12.30 17.01 -1.34
C VAL A 4 -11.23 16.18 -0.64
N GLY A 5 -11.67 15.17 0.11
CA GLY A 5 -10.87 14.28 0.92
C GLY A 5 -9.53 14.77 1.43
N ASN A 6 -8.54 13.89 1.38
CA ASN A 6 -7.15 14.21 1.70
C ASN A 6 -6.33 14.55 0.47
N ILE A 7 -6.97 15.17 -0.54
CA ILE A 7 -6.27 15.49 -1.77
C ILE A 7 -5.14 16.49 -1.54
N LYS A 8 -5.30 17.40 -0.58
CA LYS A 8 -4.26 18.40 -0.36
C LYS A 8 -2.99 17.75 0.22
N VAL A 9 -3.16 16.76 1.10
CA VAL A 9 -2.02 16.04 1.64
C VAL A 9 -1.26 15.33 0.53
N LEU A 10 -1.99 14.71 -0.40
CA LEU A 10 -1.33 13.98 -1.48
C LEU A 10 -0.66 14.93 -2.47
N ILE A 11 -1.29 16.09 -2.74
CA ILE A 11 -0.65 17.10 -3.59
C ILE A 11 0.67 17.57 -2.98
N ASP A 12 0.63 17.93 -1.69
CA ASP A 12 1.84 18.41 -1.03
C ASP A 12 2.92 17.33 -1.00
N MET A 13 2.52 16.08 -0.78
CA MET A 13 3.49 14.99 -0.81
C MET A 13 4.11 14.84 -2.19
N LEU A 14 3.28 14.91 -3.23
CA LEU A 14 3.77 14.78 -4.60
C LEU A 14 4.70 15.93 -4.98
N LYS A 15 4.42 17.14 -4.47
CA LYS A 15 5.29 18.27 -4.76
C LYS A 15 6.61 18.18 -4.00
N MET A 16 6.54 17.90 -2.69
CA MET A 16 7.74 17.91 -1.85
C MET A 16 8.65 16.72 -2.13
N HIS A 17 8.08 15.58 -2.51
CA HIS A 17 8.81 14.31 -2.51
C HIS A 17 8.86 13.59 -3.84
N CYS A 18 8.18 14.09 -4.86
CA CYS A 18 8.35 13.55 -6.21
C CYS A 18 8.92 14.60 -7.16
N HIS A 45 -37.80 10.89 2.10
CA HIS A 45 -36.71 11.53 2.83
C HIS A 45 -35.83 10.50 3.52
N LYS A 46 -35.47 10.73 4.78
CA LYS A 46 -34.42 9.95 5.41
C LYS A 46 -34.88 8.54 5.78
N ARG A 47 -34.12 7.56 5.29
CA ARG A 47 -34.07 6.14 5.59
C ARG A 47 -32.65 5.81 6.08
N PRO A 48 -32.48 4.82 6.95
CA PRO A 48 -31.13 4.39 7.27
C PRO A 48 -30.60 3.42 6.23
N MET A 49 -29.34 3.58 5.87
CA MET A 49 -28.68 2.65 4.96
C MET A 49 -28.06 1.52 5.76
N ASP A 50 -28.06 0.32 5.17
CA ASP A 50 -27.46 -0.82 5.84
C ASP A 50 -25.96 -0.61 5.98
N THR A 51 -25.45 -0.78 7.20
CA THR A 51 -24.05 -0.47 7.47
C THR A 51 -23.12 -1.37 6.67
N GLU A 52 -23.53 -2.61 6.41
CA GLU A 52 -22.68 -3.46 5.58
C GLU A 52 -22.55 -2.91 4.16
N GLU A 53 -23.66 -2.40 3.60
CA GLU A 53 -23.60 -1.85 2.25
C GLU A 53 -22.72 -0.61 2.20
N ALA A 54 -22.83 0.27 3.20
CA ALA A 54 -21.99 1.44 3.25
C ALA A 54 -20.52 1.05 3.41
N GLU A 55 -20.25 0.04 4.24
CA GLU A 55 -18.90 -0.48 4.40
C GLU A 55 -18.31 -0.96 3.08
N GLU A 56 -19.09 -1.73 2.31
CA GLU A 56 -18.57 -2.27 1.06
C GLU A 56 -18.44 -1.19 -0.02
N LEU A 57 -19.29 -0.17 0.02
CA LEU A 57 -19.10 0.98 -0.87
C LEU A 57 -17.79 1.69 -0.55
N VAL A 58 -17.52 1.91 0.73
CA VAL A 58 -16.28 2.60 1.12
C VAL A 58 -15.06 1.76 0.79
N ARG A 59 -15.15 0.44 0.99
CA ARG A 59 -14.04 -0.45 0.65
C ARG A 59 -13.80 -0.48 -0.85
N GLN A 60 -14.86 -0.45 -1.66
CA GLN A 60 -14.67 -0.43 -3.10
C GLN A 60 -14.03 0.88 -3.54
N TRP A 61 -14.44 2.02 -2.94
CA TRP A 61 -13.79 3.28 -3.27
C TRP A 61 -12.32 3.25 -2.86
N GLU A 62 -12.01 2.70 -1.69
CA GLU A 62 -10.62 2.64 -1.25
C GLU A 62 -9.78 1.80 -2.21
N ASN A 63 -10.32 0.67 -2.66
CA ASN A 63 -9.59 -0.17 -3.62
C ASN A 63 -9.39 0.55 -4.94
N VAL A 64 -10.44 1.21 -5.46
CA VAL A 64 -10.31 1.91 -6.73
C VAL A 64 -9.32 3.05 -6.61
N LYS A 65 -9.33 3.75 -5.48
CA LYS A 65 -8.39 4.85 -5.28
C LYS A 65 -6.96 4.34 -5.18
N ALA A 66 -6.77 3.17 -4.58
CA ALA A 66 -5.45 2.56 -4.55
C ALA A 66 -4.98 2.15 -5.94
N GLU A 67 -5.91 1.67 -6.78
CA GLU A 67 -5.54 1.26 -8.13
C GLU A 67 -5.24 2.46 -9.02
N ALA A 68 -6.02 3.54 -8.90
CA ALA A 68 -5.82 4.72 -9.72
C ALA A 68 -4.50 5.40 -9.40
N LEU A 69 -4.14 5.49 -8.12
CA LEU A 69 -2.89 6.11 -7.71
C LEU A 69 -1.74 5.12 -7.62
N GLY A 70 -1.99 3.84 -7.88
CA GLY A 70 -0.99 2.82 -7.77
C GLY A 70 -0.08 2.74 -8.98
N PRO A 71 0.76 1.70 -9.04
CA PRO A 71 1.74 1.63 -10.13
C PRO A 71 1.11 1.40 -11.51
N THR A 72 -0.08 0.79 -11.57
CA THR A 72 -0.76 0.62 -12.85
C THR A 72 -1.53 1.86 -13.30
N HIS A 73 -1.77 2.81 -12.40
CA HIS A 73 -2.41 4.09 -12.74
C HIS A 73 -3.77 3.87 -13.41
N GLN A 74 -4.69 3.23 -12.67
CA GLN A 74 -6.04 2.95 -13.16
C GLN A 74 -6.91 4.21 -13.04
N VAL A 75 -6.59 5.19 -13.88
CA VAL A 75 -7.25 6.50 -13.78
C VAL A 75 -8.71 6.39 -14.17
N TYR A 76 -9.01 5.59 -15.20
CA TYR A 76 -10.38 5.37 -15.66
C TYR A 76 -11.30 4.93 -14.53
N SER A 77 -10.83 4.00 -13.68
CA SER A 77 -11.68 3.34 -12.71
C SER A 77 -12.40 4.31 -11.79
N LEU A 78 -11.89 5.53 -11.64
CA LEU A 78 -12.52 6.49 -10.72
C LEU A 78 -13.93 6.82 -11.18
N SER A 79 -14.14 6.92 -12.50
CA SER A 79 -15.47 7.19 -13.02
C SER A 79 -16.46 6.09 -12.67
N GLU A 80 -15.98 4.90 -12.29
CA GLU A 80 -16.89 3.84 -11.86
C GLU A 80 -17.43 4.07 -10.46
N VAL A 81 -16.70 4.79 -9.61
CA VAL A 81 -17.12 5.01 -8.24
C VAL A 81 -17.29 6.47 -7.87
N LEU A 82 -16.81 7.40 -8.69
CA LEU A 82 -16.83 8.81 -8.35
C LEU A 82 -17.65 9.61 -9.36
N ASP A 83 -18.15 10.75 -8.90
CA ASP A 83 -18.85 11.69 -9.77
C ASP A 83 -18.55 13.10 -9.29
N GLU A 84 -18.74 14.05 -10.20
CA GLU A 84 -18.72 15.48 -9.88
C GLU A 84 -17.37 15.87 -9.31
N SER A 85 -17.31 16.58 -8.18
CA SER A 85 -16.04 17.11 -7.70
C SER A 85 -15.07 15.99 -7.32
N MET A 86 -15.58 14.92 -6.69
CA MET A 86 -14.71 13.82 -6.32
C MET A 86 -14.01 13.26 -7.56
N LEU A 87 -14.77 12.98 -8.61
CA LEU A 87 -14.21 12.45 -9.84
C LEU A 87 -13.21 13.42 -10.44
N VAL A 88 -13.59 14.71 -10.55
CA VAL A 88 -12.71 15.68 -11.20
C VAL A 88 -11.39 15.80 -10.46
N GLN A 89 -11.45 15.98 -9.14
CA GLN A 89 -10.24 16.22 -8.36
C GLN A 89 -9.35 14.98 -8.31
N TRP A 90 -9.93 13.81 -8.04
CA TRP A 90 -9.12 12.60 -7.98
C TRP A 90 -8.55 12.25 -9.35
N GLN A 91 -9.31 12.49 -10.41
CA GLN A 91 -8.82 12.30 -11.77
C GLN A 91 -7.61 13.19 -12.03
N THR A 92 -7.71 14.46 -11.66
CA THR A 92 -6.60 15.37 -11.86
C THR A 92 -5.37 14.93 -11.07
N LEU A 93 -5.56 14.51 -9.82
CA LEU A 93 -4.43 14.08 -9.01
C LEU A 93 -3.78 12.83 -9.58
N ALA A 94 -4.60 11.87 -10.06
CA ALA A 94 -4.05 10.65 -10.64
C ALA A 94 -3.26 10.96 -11.91
N GLN A 95 -3.80 11.82 -12.77
CA GLN A 95 -3.08 12.19 -13.98
C GLN A 95 -1.79 12.93 -13.65
N THR A 96 -1.82 13.78 -12.63
CA THR A 96 -0.61 14.50 -12.22
C THR A 96 0.46 13.54 -11.71
N ALA A 97 0.05 12.54 -10.91
CA ALA A 97 1.01 11.57 -10.40
C ALA A 97 1.61 10.74 -11.53
N GLU A 98 0.76 10.31 -12.47
CA GLU A 98 1.26 9.56 -13.62
C GLU A 98 2.21 10.40 -14.46
N ALA A 99 1.91 11.70 -14.60
CA ALA A 99 2.76 12.59 -15.38
C ALA A 99 4.14 12.75 -14.76
N LYS A 100 4.21 12.76 -13.42
CA LYS A 100 5.48 12.90 -12.71
C LYS A 100 6.18 11.57 -12.51
N SER A 101 5.61 10.47 -12.99
CA SER A 101 6.19 9.12 -12.85
C SER A 101 6.44 8.76 -11.39
N CYS A 102 5.46 9.04 -10.53
CA CYS A 102 5.46 8.61 -9.15
C CYS A 102 4.15 7.91 -8.85
N TYR A 103 4.14 7.02 -7.87
CA TYR A 103 2.87 6.36 -7.57
C TYR A 103 2.73 6.15 -6.07
N TRP A 104 1.53 5.80 -5.63
CA TRP A 104 1.27 5.57 -4.22
C TRP A 104 0.99 4.09 -3.96
N ARG A 105 1.46 3.62 -2.81
CA ARG A 105 1.02 2.37 -2.22
C ARG A 105 0.18 2.68 -1.00
N PHE A 106 -1.07 2.23 -1.02
CA PHE A 106 -2.07 2.56 0.00
C PHE A 106 -2.43 1.29 0.76
N VAL A 107 -2.43 1.37 2.09
CA VAL A 107 -2.92 0.30 2.95
C VAL A 107 -4.01 0.86 3.84
N LEU A 108 -5.22 0.30 3.71
CA LEU A 108 -6.33 0.61 4.60
C LEU A 108 -6.27 -0.35 5.78
N LEU A 109 -5.80 0.13 6.92
CA LEU A 109 -5.66 -0.74 8.09
C LEU A 109 -6.95 -0.90 8.87
N HIS A 110 -7.78 0.14 8.94
CA HIS A 110 -9.02 0.05 9.71
C HIS A 110 -10.11 0.89 9.07
N LEU A 111 -11.32 0.33 9.01
CA LEU A 111 -12.51 1.06 8.57
C LEU A 111 -13.66 0.72 9.49
N GLU A 112 -14.34 1.76 9.98
CA GLU A 112 -15.57 1.59 10.75
C GLU A 112 -16.59 2.60 10.27
N VAL A 113 -17.71 2.12 9.73
CA VAL A 113 -18.80 3.01 9.37
C VAL A 113 -19.52 3.41 10.66
N LEU A 114 -19.64 4.72 10.89
CA LEU A 114 -20.32 5.22 12.07
C LEU A 114 -21.77 5.59 11.81
N GLN A 115 -22.08 6.15 10.64
CA GLN A 115 -23.47 6.34 10.26
C GLN A 115 -23.62 6.19 8.76
N ALA A 116 -24.83 5.83 8.32
CA ALA A 116 -25.16 5.81 6.91
C ALA A 116 -26.65 6.07 6.75
N HIS A 117 -26.99 7.02 5.88
CA HIS A 117 -28.38 7.37 5.65
C HIS A 117 -28.62 7.70 4.19
N ILE A 118 -29.85 7.48 3.75
CA ILE A 118 -30.31 7.83 2.41
C ILE A 118 -31.43 8.84 2.56
N PHE A 119 -31.47 9.83 1.69
CA PHE A 119 -32.54 10.81 1.69
C PHE A 119 -32.90 11.17 0.25
N GLU A 120 -34.00 11.91 0.10
CA GLU A 120 -34.45 12.32 -1.21
C GLU A 120 -33.68 13.57 -1.65
N ASP A 121 -33.30 13.61 -2.92
CA ASP A 121 -32.46 14.67 -3.47
C ASP A 121 -33.24 15.43 -4.55
N GLY A 122 -34.10 16.36 -4.12
CA GLY A 122 -34.72 17.24 -5.09
C GLY A 122 -35.76 16.54 -5.95
N ILE A 123 -35.81 16.91 -7.22
CA ILE A 123 -36.81 16.34 -8.14
C ILE A 123 -36.63 14.82 -8.23
N ALA A 124 -35.44 14.38 -8.66
CA ALA A 124 -35.29 13.09 -9.34
C ALA A 124 -34.60 12.02 -8.50
N GLY A 125 -33.41 12.31 -7.97
CA GLY A 125 -32.55 11.29 -7.44
C GLY A 125 -32.56 11.16 -5.92
N GLU A 126 -31.76 10.19 -5.46
CA GLU A 126 -31.54 9.93 -4.06
C GLU A 126 -30.10 10.29 -3.71
N ALA A 127 -29.89 10.67 -2.45
CA ALA A 127 -28.57 11.03 -1.96
C ALA A 127 -28.31 10.20 -0.71
N ALA A 128 -27.03 10.03 -0.38
CA ALA A 128 -26.64 9.28 0.81
C ALA A 128 -25.53 10.03 1.53
N GLU A 129 -25.46 9.79 2.84
CA GLU A 129 -24.39 10.32 3.68
C GLU A 129 -23.79 9.16 4.48
N ILE A 130 -22.47 9.05 4.44
CA ILE A 130 -21.73 8.02 5.16
C ILE A 130 -20.68 8.68 6.04
N GLU A 131 -20.73 8.41 7.33
CA GLU A 131 -19.76 8.94 8.28
C GLU A 131 -18.91 7.78 8.78
N ALA A 132 -17.59 7.86 8.54
CA ALA A 132 -16.72 6.72 8.73
C ALA A 132 -15.40 7.12 9.40
N LEU A 133 -14.85 6.17 10.15
CA LEU A 133 -13.52 6.28 10.73
C LEU A 133 -12.56 5.42 9.91
N LEU A 134 -11.43 6.00 9.50
CA LEU A 134 -10.47 5.31 8.66
C LEU A 134 -9.08 5.44 9.23
N GLU A 135 -8.32 4.35 9.14
CA GLU A 135 -6.90 4.35 9.45
C GLU A 135 -6.19 3.91 8.19
N GLU A 136 -5.26 4.74 7.69
CA GLU A 136 -4.60 4.38 6.45
C GLU A 136 -3.15 4.82 6.46
N ALA A 137 -2.33 4.04 5.76
CA ALA A 137 -0.93 4.32 5.57
C ALA A 137 -0.67 4.44 4.08
N ALA A 138 0.29 5.29 3.72
CA ALA A 138 0.58 5.51 2.31
C ALA A 138 2.07 5.75 2.13
N GLU A 139 2.59 5.25 1.01
CA GLU A 139 3.97 5.47 0.59
C GLU A 139 3.94 6.07 -0.81
N LEU A 140 4.57 7.23 -0.97
CA LEU A 140 4.78 7.81 -2.28
C LEU A 140 6.08 7.26 -2.83
N VAL A 141 5.98 6.51 -3.91
CA VAL A 141 7.12 5.79 -4.48
C VAL A 141 7.69 6.69 -5.55
N ASP A 142 8.92 7.13 -5.26
CA ASP A 142 9.83 7.89 -6.12
C ASP A 142 11.07 7.03 -6.35
N GLU A 143 11.15 6.41 -7.53
CA GLU A 143 12.25 5.50 -7.84
C GLU A 143 13.60 6.19 -7.87
N SER A 144 13.63 7.51 -8.02
CA SER A 144 14.90 8.22 -8.10
C SER A 144 15.50 8.59 -6.75
N GLN A 145 14.83 8.26 -5.63
CA GLN A 145 15.39 8.52 -4.31
C GLN A 145 15.40 7.25 -3.48
N PRO A 146 16.42 7.05 -2.65
CA PRO A 146 16.47 5.82 -1.84
C PRO A 146 15.33 5.75 -0.83
N LYS A 147 14.97 6.87 -0.22
CA LYS A 147 13.92 6.91 0.79
C LYS A 147 12.66 7.52 0.20
N ASN A 148 11.54 6.83 0.39
CA ASN A 148 10.24 7.33 -0.04
C ASN A 148 9.55 8.07 1.10
N ALA A 149 8.66 8.98 0.75
CA ALA A 149 7.85 9.65 1.76
C ALA A 149 6.68 8.75 2.16
N LYS A 150 6.36 8.76 3.45
CA LYS A 150 5.30 7.94 4.00
C LYS A 150 4.42 8.78 4.91
N TYR A 151 3.16 8.38 5.02
CA TYR A 151 2.27 8.97 6.01
C TYR A 151 1.41 7.89 6.63
N TYR A 152 1.06 8.10 7.89
CA TYR A 152 0.13 7.25 8.62
C TYR A 152 -0.88 8.19 9.25
N SER A 153 -2.17 7.90 9.05
CA SER A 153 -3.19 8.83 9.50
C SER A 153 -4.44 8.09 9.92
N THR A 154 -5.02 8.55 11.03
CA THR A 154 -6.34 8.17 11.48
C THR A 154 -7.23 9.38 11.33
N TYR A 155 -8.37 9.22 10.67
CA TYR A 155 -9.21 10.37 10.44
C TYR A 155 -10.68 9.97 10.33
N LYS A 156 -11.54 10.93 10.61
CA LYS A 156 -12.98 10.78 10.49
C LYS A 156 -13.43 11.61 9.31
N ILE A 157 -14.19 10.99 8.41
CA ILE A 157 -14.54 11.56 7.13
C ILE A 157 -16.02 11.34 6.86
N ARG A 158 -16.65 12.33 6.22
CA ARG A 158 -18.04 12.24 5.79
C ARG A 158 -18.10 12.26 4.28
N TYR A 159 -18.83 11.30 3.71
CA TYR A 159 -19.02 11.16 2.28
C TYR A 159 -20.46 11.49 1.93
N ILE A 160 -20.63 12.21 0.82
CA ILE A 160 -21.94 12.38 0.19
C ILE A 160 -21.93 11.60 -1.10
N LEU A 161 -22.93 10.76 -1.29
CA LEU A 161 -23.08 9.93 -2.47
C LEU A 161 -24.39 10.26 -3.15
N LYS A 162 -24.46 9.95 -4.43
CA LYS A 162 -25.70 10.11 -5.18
C LYS A 162 -26.02 8.83 -5.91
N LYS A 163 -27.28 8.44 -5.83
CA LYS A 163 -27.76 7.32 -6.62
C LYS A 163 -27.92 7.87 -8.03
N GLN A 164 -27.31 7.18 -9.00
CA GLN A 164 -27.19 7.77 -10.32
C GLN A 164 -28.34 7.26 -11.17
N GLU A 165 -28.31 7.54 -12.47
CA GLU A 165 -29.44 7.19 -13.33
C GLU A 165 -29.70 5.69 -13.30
N ASP A 166 -28.65 4.89 -13.47
CA ASP A 166 -28.67 3.44 -13.35
C ASP A 166 -28.89 3.08 -11.87
N GLY A 167 -28.38 1.97 -11.36
CA GLY A 167 -28.69 1.57 -10.00
C GLY A 167 -27.70 1.92 -8.91
N LEU A 168 -26.41 2.00 -9.21
CA LEU A 168 -25.41 2.10 -8.15
C LEU A 168 -25.13 3.54 -7.74
N TRP A 169 -24.64 3.69 -6.50
CA TRP A 169 -24.24 4.96 -5.93
C TRP A 169 -22.87 5.40 -6.44
N LYS A 170 -22.62 6.71 -6.39
CA LYS A 170 -21.31 7.25 -6.67
C LYS A 170 -20.96 8.32 -5.64
N PHE A 171 -19.70 8.32 -5.20
CA PHE A 171 -19.23 9.36 -4.29
C PHE A 171 -19.08 10.67 -5.04
N CYS A 172 -19.71 11.73 -4.51
CA CYS A 172 -19.71 13.02 -5.18
C CYS A 172 -18.96 14.10 -4.42
N GLN A 173 -18.95 14.04 -3.09
CA GLN A 173 -18.15 14.95 -2.29
C GLN A 173 -17.72 14.23 -1.02
N SER A 174 -16.63 14.69 -0.44
CA SER A 174 -16.11 14.12 0.78
C SER A 174 -15.39 15.22 1.54
N ASP A 175 -15.53 15.22 2.87
CA ASP A 175 -14.80 16.15 3.71
C ASP A 175 -14.19 15.37 4.86
N ILE A 176 -12.90 15.58 5.11
CA ILE A 176 -12.29 15.01 6.31
C ILE A 176 -12.60 15.96 7.45
N GLN A 177 -13.28 15.47 8.47
CA GLN A 177 -13.66 16.32 9.59
C GLN A 177 -12.66 16.25 10.73
N ILE A 178 -12.15 15.06 11.04
CA ILE A 178 -11.18 14.92 12.12
C ILE A 178 -9.93 14.27 11.57
N GLN A 179 -8.77 14.70 12.06
CA GLN A 179 -7.49 14.09 11.73
C GLN A 179 -6.65 13.98 12.98
N LYS A 180 -6.07 12.81 13.20
CA LYS A 180 -5.17 12.60 14.35
C LYS A 180 -3.86 11.96 13.91
N ILE B 3 12.98 -21.56 6.96
CA ILE B 3 12.75 -20.43 6.09
C ILE B 3 13.41 -19.16 6.63
N VAL B 4 13.56 -18.16 5.77
CA VAL B 4 14.16 -16.89 6.14
C VAL B 4 13.08 -15.96 6.69
N GLY B 5 13.48 -14.78 7.15
CA GLY B 5 12.63 -13.87 7.90
C GLY B 5 11.27 -13.48 7.32
N ASN B 6 10.24 -13.73 8.15
CA ASN B 6 8.83 -13.35 7.95
C ASN B 6 8.28 -13.70 6.57
N ILE B 7 8.88 -14.64 5.85
CA ILE B 7 8.25 -15.09 4.62
C ILE B 7 7.06 -16.00 4.94
N LYS B 8 7.13 -16.70 6.08
CA LYS B 8 6.06 -17.62 6.46
C LYS B 8 4.77 -16.88 6.79
N VAL B 9 4.88 -15.69 7.39
CA VAL B 9 3.68 -14.90 7.65
C VAL B 9 2.96 -14.59 6.36
N LEU B 10 3.70 -14.21 5.32
CA LEU B 10 3.07 -13.89 4.04
C LEU B 10 2.54 -15.14 3.35
N ILE B 11 3.23 -16.28 3.50
CA ILE B 11 2.70 -17.54 2.97
C ILE B 11 1.35 -17.86 3.62
N ASP B 12 1.30 -17.77 4.96
CA ASP B 12 0.08 -18.06 5.69
C ASP B 12 -1.01 -17.07 5.32
N MET B 13 -0.66 -15.81 5.11
CA MET B 13 -1.64 -14.82 4.66
C MET B 13 -2.20 -15.18 3.29
N LEU B 14 -1.33 -15.59 2.36
CA LEU B 14 -1.79 -15.96 1.03
C LEU B 14 -2.71 -17.18 1.08
N LYS B 15 -2.43 -18.11 2.00
CA LYS B 15 -3.31 -19.26 2.15
C LYS B 15 -4.63 -18.89 2.81
N MET B 16 -4.59 -18.06 3.86
CA MET B 16 -5.81 -17.73 4.58
C MET B 16 -6.79 -16.93 3.73
N HIS B 17 -6.29 -16.16 2.76
CA HIS B 17 -7.13 -15.23 2.04
C HIS B 17 -7.14 -15.44 0.53
N CYS B 18 -6.16 -16.17 -0.02
CA CYS B 18 -6.20 -16.61 -1.41
C CYS B 18 -6.09 -18.13 -1.51
N GLY B 19 -6.31 -18.84 -0.41
CA GLY B 19 -6.09 -20.29 -0.38
C GLY B 19 -7.12 -21.11 -1.10
N GLU B 20 -8.25 -20.52 -1.51
CA GLU B 20 -9.16 -21.23 -2.39
C GLU B 20 -8.53 -21.44 -3.76
N HIS B 21 -7.71 -20.50 -4.21
CA HIS B 21 -7.13 -20.49 -5.54
C HIS B 21 -5.92 -21.41 -5.64
N HIS B 45 37.14 -10.95 11.43
CA HIS B 45 37.90 -9.83 10.92
C HIS B 45 36.93 -8.67 10.56
N LYS B 46 36.28 -8.18 11.62
CA LYS B 46 35.15 -7.25 11.58
C LYS B 46 35.56 -5.82 11.24
N ARG B 47 34.85 -5.22 10.31
CA ARG B 47 34.88 -3.80 9.98
C ARG B 47 33.46 -3.27 10.14
N PRO B 48 33.26 -2.01 10.56
CA PRO B 48 31.90 -1.45 10.51
C PRO B 48 31.52 -0.93 9.12
N MET B 49 30.25 -1.19 8.74
CA MET B 49 29.69 -0.68 7.50
C MET B 49 29.01 0.67 7.74
N ASP B 50 29.00 1.51 6.70
CA ASP B 50 28.37 2.82 6.80
C ASP B 50 26.86 2.69 7.02
N THR B 51 26.36 3.40 8.04
CA THR B 51 24.94 3.28 8.40
C THR B 51 24.05 3.78 7.28
N GLU B 52 24.48 4.82 6.56
CA GLU B 52 23.69 5.33 5.45
C GLU B 52 23.60 4.30 4.33
N GLU B 53 24.71 3.64 4.02
CA GLU B 53 24.71 2.64 2.95
C GLU B 53 23.86 1.43 3.31
N ALA B 54 23.95 0.97 4.56
CA ALA B 54 23.11 -0.15 4.99
C ALA B 54 21.64 0.23 4.97
N GLU B 55 21.31 1.43 5.44
CA GLU B 55 19.94 1.93 5.40
C GLU B 55 19.41 1.94 3.96
N GLU B 56 20.23 2.41 3.01
CA GLU B 56 19.78 2.49 1.63
C GLU B 56 19.68 1.11 0.99
N LEU B 57 20.54 0.17 1.41
CA LEU B 57 20.40 -1.20 0.93
C LEU B 57 19.09 -1.81 1.39
N VAL B 58 18.77 -1.63 2.68
CA VAL B 58 17.53 -2.19 3.20
C VAL B 58 16.32 -1.51 2.56
N ARG B 59 16.41 -0.21 2.30
CA ARG B 59 15.30 0.48 1.65
C ARG B 59 15.10 -0.02 0.22
N GLN B 60 16.21 -0.27 -0.50
CA GLN B 60 16.08 -0.79 -1.85
C GLN B 60 15.47 -2.19 -1.85
N TRP B 61 15.88 -3.04 -0.90
CA TRP B 61 15.27 -4.35 -0.79
C TRP B 61 13.79 -4.25 -0.44
N GLU B 62 13.43 -3.34 0.48
CA GLU B 62 12.02 -3.20 0.84
C GLU B 62 11.19 -2.78 -0.37
N ASN B 63 11.69 -1.83 -1.17
CA ASN B 63 10.94 -1.42 -2.36
C ASN B 63 10.85 -2.54 -3.38
N VAL B 64 11.94 -3.29 -3.60
CA VAL B 64 11.91 -4.39 -4.56
C VAL B 64 10.91 -5.46 -4.11
N LYS B 65 10.86 -5.72 -2.80
CA LYS B 65 9.93 -6.71 -2.28
C LYS B 65 8.50 -6.24 -2.39
N ALA B 66 8.26 -4.95 -2.21
CA ALA B 66 6.91 -4.41 -2.39
C ALA B 66 6.46 -4.50 -3.85
N GLU B 67 7.37 -4.21 -4.79
CA GLU B 67 7.01 -4.27 -6.20
C GLU B 67 6.86 -5.72 -6.69
N ALA B 68 7.71 -6.62 -6.19
CA ALA B 68 7.63 -8.02 -6.60
C ALA B 68 6.31 -8.65 -6.16
N LEU B 69 5.82 -8.31 -4.96
CA LEU B 69 4.56 -8.83 -4.46
C LEU B 69 3.38 -7.97 -4.83
N GLY B 70 3.61 -6.83 -5.49
CA GLY B 70 2.57 -5.89 -5.83
C GLY B 70 1.81 -6.27 -7.09
N PRO B 71 0.96 -5.36 -7.56
CA PRO B 71 0.11 -5.67 -8.72
C PRO B 71 0.87 -5.81 -10.04
N THR B 72 2.06 -5.20 -10.18
CA THR B 72 2.83 -5.43 -11.40
C THR B 72 3.65 -6.71 -11.33
N HIS B 73 3.85 -7.27 -10.15
CA HIS B 73 4.55 -8.55 -9.95
C HIS B 73 5.94 -8.53 -10.60
N GLN B 74 6.77 -7.60 -10.14
CA GLN B 74 8.14 -7.45 -10.65
C GLN B 74 9.03 -8.51 -9.99
N VAL B 75 8.79 -9.76 -10.39
CA VAL B 75 9.49 -10.90 -9.77
C VAL B 75 10.95 -10.92 -10.17
N TYR B 76 11.26 -10.58 -11.42
CA TYR B 76 12.65 -10.58 -11.89
C TYR B 76 13.55 -9.73 -11.00
N SER B 77 13.07 -8.56 -10.58
CA SER B 77 13.90 -7.61 -9.85
C SER B 77 14.54 -8.21 -8.61
N LEU B 78 13.95 -9.28 -8.07
CA LEU B 78 14.49 -9.87 -6.84
C LEU B 78 15.90 -10.40 -7.07
N SER B 79 16.16 -10.98 -8.24
CA SER B 79 17.51 -11.47 -8.50
C SER B 79 18.54 -10.36 -8.53
N GLU B 80 18.12 -9.11 -8.69
CA GLU B 80 19.07 -8.01 -8.63
C GLU B 80 19.45 -7.62 -7.21
N VAL B 81 18.63 -7.95 -6.21
CA VAL B 81 18.93 -7.61 -4.82
C VAL B 81 19.09 -8.83 -3.92
N LEU B 82 18.66 -10.01 -4.35
CA LEU B 82 18.68 -11.19 -3.51
C LEU B 82 19.52 -12.28 -4.15
N ASP B 83 20.02 -13.19 -3.30
CA ASP B 83 20.74 -14.37 -3.77
C ASP B 83 20.46 -15.52 -2.82
N GLU B 84 20.70 -16.73 -3.32
CA GLU B 84 20.72 -17.97 -2.53
C GLU B 84 19.33 -18.20 -1.92
N SER B 85 19.24 -18.50 -0.62
CA SER B 85 17.97 -18.93 -0.03
C SER B 85 16.92 -17.82 -0.06
N MET B 86 17.33 -16.58 0.24
CA MET B 86 16.39 -15.47 0.20
C MET B 86 15.78 -15.33 -1.19
N LEU B 87 16.63 -15.37 -2.22
CA LEU B 87 16.13 -15.25 -3.59
C LEU B 87 15.18 -16.38 -3.92
N VAL B 88 15.56 -17.62 -3.60
CA VAL B 88 14.74 -18.77 -3.96
C VAL B 88 13.36 -18.67 -3.30
N GLN B 89 13.34 -18.42 -1.98
CA GLN B 89 12.08 -18.41 -1.26
C GLN B 89 11.20 -17.22 -1.66
N TRP B 90 11.78 -16.02 -1.74
CA TRP B 90 10.96 -14.86 -2.10
C TRP B 90 10.45 -14.98 -3.53
N GLN B 91 11.24 -15.53 -4.44
CA GLN B 91 10.77 -15.77 -5.80
C GLN B 91 9.61 -16.75 -5.81
N THR B 92 9.71 -17.83 -5.03
CA THR B 92 8.63 -18.79 -4.98
C THR B 92 7.34 -18.14 -4.48
N LEU B 93 7.44 -17.33 -3.42
CA LEU B 93 6.24 -16.69 -2.87
C LEU B 93 5.62 -15.72 -3.88
N ALA B 94 6.46 -14.93 -4.55
CA ALA B 94 5.93 -13.98 -5.53
C ALA B 94 5.28 -14.68 -6.72
N GLN B 95 5.93 -15.73 -7.24
CA GLN B 95 5.36 -16.47 -8.36
C GLN B 95 4.06 -17.14 -7.97
N THR B 96 3.98 -17.69 -6.76
CA THR B 96 2.73 -18.28 -6.30
C THR B 96 1.64 -17.23 -6.20
N ALA B 97 1.98 -16.04 -5.71
CA ALA B 97 0.98 -14.98 -5.60
C ALA B 97 0.48 -14.54 -6.97
N GLU B 98 1.39 -14.37 -7.93
CA GLU B 98 0.96 -13.99 -9.28
C GLU B 98 0.12 -15.09 -9.92
N ALA B 99 0.46 -16.36 -9.65
CA ALA B 99 -0.32 -17.45 -10.22
C ALA B 99 -1.76 -17.43 -9.70
N LYS B 100 -1.95 -17.06 -8.44
CA LYS B 100 -3.26 -17.00 -7.83
C LYS B 100 -3.97 -15.67 -8.09
N SER B 101 -3.35 -14.77 -8.85
CA SER B 101 -3.92 -13.45 -9.17
C SER B 101 -4.30 -12.69 -7.90
N CYS B 102 -3.39 -12.70 -6.94
CA CYS B 102 -3.51 -11.93 -5.72
C CYS B 102 -2.26 -11.07 -5.57
N TYR B 103 -2.39 -9.93 -4.90
CA TYR B 103 -1.19 -9.12 -4.73
C TYR B 103 -1.22 -8.42 -3.38
N TRP B 104 -0.06 -7.87 -3.02
CA TRP B 104 0.10 -7.14 -1.77
C TRP B 104 0.29 -5.65 -2.07
N ARG B 105 -0.25 -4.81 -1.22
CA ARG B 105 0.10 -3.40 -1.15
C ARG B 105 0.90 -3.20 0.13
N PHE B 106 2.16 -2.79 -0.01
CA PHE B 106 3.12 -2.74 1.08
C PHE B 106 3.52 -1.30 1.36
N VAL B 107 3.47 -0.89 2.62
CA VAL B 107 3.96 0.40 3.06
C VAL B 107 5.00 0.15 4.16
N LEU B 108 6.22 0.65 3.92
CA LEU B 108 7.30 0.65 4.90
C LEU B 108 7.14 1.89 5.77
N LEU B 109 6.63 1.71 6.99
CA LEU B 109 6.39 2.85 7.86
C LEU B 109 7.64 3.29 8.60
N HIS B 110 8.51 2.35 9.00
CA HIS B 110 9.70 2.76 9.72
C HIS B 110 10.83 1.79 9.46
N LEU B 111 12.03 2.32 9.27
CA LEU B 111 13.24 1.54 9.16
C LEU B 111 14.30 2.18 10.04
N GLU B 112 14.94 1.37 10.88
CA GLU B 112 16.06 1.82 11.69
C GLU B 112 17.15 0.76 11.62
N VAL B 113 18.30 1.13 11.05
CA VAL B 113 19.47 0.25 11.04
C VAL B 113 20.10 0.32 12.42
N LEU B 114 20.27 -0.84 13.06
CA LEU B 114 20.85 -0.89 14.38
C LEU B 114 22.33 -1.27 14.38
N GLN B 115 22.74 -2.18 13.50
CA GLN B 115 24.16 -2.44 13.30
C GLN B 115 24.40 -2.81 11.85
N ALA B 116 25.62 -2.59 11.40
CA ALA B 116 26.05 -3.04 10.08
C ALA B 116 27.55 -3.31 10.15
N HIS B 117 27.96 -4.47 9.67
CA HIS B 117 29.37 -4.88 9.71
C HIS B 117 29.73 -5.67 8.46
N ILE B 118 31.02 -5.63 8.09
CA ILE B 118 31.63 -6.35 6.98
C ILE B 118 32.66 -7.33 7.51
N PHE B 119 32.79 -8.46 6.83
CA PHE B 119 33.74 -9.51 7.13
C PHE B 119 34.34 -9.96 5.81
N GLU B 120 35.63 -9.72 5.63
CA GLU B 120 36.30 -10.13 4.41
C GLU B 120 36.96 -11.49 4.60
N GLU B 126 33.84 -9.43 1.96
CA GLU B 126 33.08 -10.32 1.10
C GLU B 126 31.68 -10.59 1.65
N ALA B 127 31.50 -10.46 2.96
CA ALA B 127 30.21 -10.68 3.58
C ALA B 127 29.83 -9.49 4.44
N ALA B 128 28.54 -9.30 4.64
CA ALA B 128 28.03 -8.22 5.48
C ALA B 128 26.88 -8.74 6.34
N GLU B 129 26.69 -8.10 7.48
CA GLU B 129 25.56 -8.36 8.36
C GLU B 129 24.92 -7.02 8.72
N ILE B 130 23.60 -6.93 8.53
CA ILE B 130 22.86 -5.72 8.85
C ILE B 130 21.71 -6.09 9.78
N GLU B 131 21.66 -5.49 10.96
CA GLU B 131 20.60 -5.72 11.92
C GLU B 131 19.76 -4.46 12.02
N ALA B 132 18.47 -4.59 11.70
CA ALA B 132 17.59 -3.45 11.50
C ALA B 132 16.23 -3.71 12.14
N LEU B 133 15.59 -2.62 12.56
CA LEU B 133 14.21 -2.66 13.03
C LEU B 133 13.31 -2.09 11.95
N LEU B 134 12.25 -2.83 11.61
CA LEU B 134 11.35 -2.44 10.54
C LEU B 134 9.91 -2.50 11.02
N GLU B 135 9.13 -1.50 10.63
CA GLU B 135 7.69 -1.48 10.86
C GLU B 135 7.02 -1.37 9.49
N GLU B 136 6.12 -2.30 9.20
CA GLU B 136 5.49 -2.32 7.88
C GLU B 136 4.03 -2.76 7.97
N ALA B 137 3.23 -2.23 7.06
CA ALA B 137 1.83 -2.59 6.90
C ALA B 137 1.61 -3.10 5.49
N ALA B 138 0.66 -4.02 5.35
CA ALA B 138 0.38 -4.62 4.05
C ALA B 138 -1.09 -4.98 3.96
N GLU B 139 -1.61 -4.93 2.73
CA GLU B 139 -2.96 -5.38 2.40
C GLU B 139 -2.88 -6.45 1.32
N LEU B 140 -3.44 -7.63 1.61
CA LEU B 140 -3.56 -8.69 0.61
C LEU B 140 -4.87 -8.52 -0.14
N VAL B 141 -4.77 -8.25 -1.44
CA VAL B 141 -5.87 -7.94 -2.34
C VAL B 141 -6.17 -9.15 -3.23
N ASP B 142 -7.39 -9.70 -3.05
CA ASP B 142 -8.00 -10.70 -3.91
C ASP B 142 -9.31 -10.12 -4.44
N GLU B 143 -9.31 -9.71 -5.71
CA GLU B 143 -10.56 -9.07 -6.11
C GLU B 143 -11.76 -9.99 -6.34
N SER B 144 -11.72 -11.29 -6.12
CA SER B 144 -13.05 -11.88 -6.02
C SER B 144 -13.66 -11.63 -4.63
N GLN B 145 -12.97 -10.91 -3.75
CA GLN B 145 -13.49 -10.62 -2.42
C GLN B 145 -13.49 -9.13 -2.09
N PRO B 146 -14.56 -8.64 -1.43
CA PRO B 146 -14.63 -7.21 -1.12
C PRO B 146 -13.64 -6.75 -0.06
N LYS B 147 -13.41 -7.54 0.99
CA LYS B 147 -12.56 -7.13 2.10
C LYS B 147 -11.19 -7.78 1.95
N ASN B 148 -10.15 -6.98 2.11
CA ASN B 148 -8.78 -7.44 1.96
C ASN B 148 -8.23 -7.90 3.31
N ALA B 149 -7.24 -8.78 3.25
CA ALA B 149 -6.56 -9.18 4.47
C ALA B 149 -5.53 -8.11 4.85
N LYS B 150 -5.30 -7.96 6.16
CA LYS B 150 -4.40 -6.93 6.63
C LYS B 150 -3.25 -7.56 7.40
N TYR B 151 -2.09 -6.92 7.33
CA TYR B 151 -0.93 -7.33 8.09
C TYR B 151 -0.23 -6.09 8.61
N TYR B 152 0.18 -6.13 9.87
CA TYR B 152 0.98 -5.08 10.46
C TYR B 152 2.03 -5.71 11.35
N SER B 153 3.28 -5.30 11.20
CA SER B 153 4.31 -5.90 12.05
C SER B 153 5.43 -4.90 12.31
N THR B 154 5.87 -4.85 13.55
CA THR B 154 7.11 -4.20 13.94
C THR B 154 8.04 -5.30 14.43
N TYR B 155 9.22 -5.41 13.82
CA TYR B 155 10.09 -6.53 14.13
C TYR B 155 11.54 -6.16 13.88
N LYS B 156 12.42 -6.91 14.53
CA LYS B 156 13.87 -6.77 14.40
C LYS B 156 14.42 -7.95 13.61
N ILE B 157 15.24 -7.67 12.61
CA ILE B 157 15.70 -8.68 11.67
C ILE B 157 17.18 -8.51 11.42
N ARG B 158 17.87 -9.63 11.21
CA ARG B 158 19.29 -9.65 10.86
C ARG B 158 19.43 -10.21 9.45
N TYR B 159 20.20 -9.52 8.62
CA TYR B 159 20.45 -9.90 7.24
C TYR B 159 21.91 -10.29 7.09
N ILE B 160 22.15 -11.37 6.37
CA ILE B 160 23.48 -11.74 5.90
C ILE B 160 23.49 -11.55 4.40
N LEU B 161 24.46 -10.76 3.92
CA LEU B 161 24.65 -10.40 2.53
C LEU B 161 26.04 -10.84 2.10
N LYS B 162 26.21 -11.05 0.79
CA LYS B 162 27.50 -11.35 0.21
C LYS B 162 27.74 -10.43 -0.98
N LYS B 163 28.93 -9.86 -1.06
CA LYS B 163 29.33 -9.01 -2.16
C LYS B 163 29.75 -9.84 -3.37
N GLN B 164 29.26 -9.47 -4.55
CA GLN B 164 29.47 -10.30 -5.72
C GLN B 164 30.63 -9.76 -6.56
N GLU B 165 30.87 -10.43 -7.69
CA GLU B 165 31.96 -10.02 -8.56
C GLU B 165 31.72 -8.63 -9.12
N ASP B 166 30.48 -8.34 -9.49
CA ASP B 166 30.10 -7.02 -10.00
C ASP B 166 30.31 -5.89 -9.00
N GLY B 167 30.64 -6.19 -7.75
CA GLY B 167 30.81 -5.19 -6.72
C GLY B 167 29.63 -5.00 -5.79
N LEU B 168 28.42 -5.32 -6.23
CA LEU B 168 27.23 -4.96 -5.46
C LEU B 168 26.89 -6.03 -4.43
N TRP B 169 26.25 -5.59 -3.34
CA TRP B 169 25.79 -6.51 -2.31
C TRP B 169 24.49 -7.17 -2.74
N LYS B 170 24.25 -8.37 -2.20
CA LYS B 170 22.96 -9.04 -2.35
C LYS B 170 22.58 -9.69 -1.03
N PHE B 171 21.31 -9.56 -0.65
CA PHE B 171 20.83 -10.20 0.56
C PHE B 171 20.71 -11.71 0.33
N CYS B 172 21.33 -12.49 1.21
CA CYS B 172 21.35 -13.93 1.03
C CYS B 172 20.58 -14.71 2.09
N GLN B 173 20.55 -14.24 3.33
CA GLN B 173 19.70 -14.87 4.35
C GLN B 173 19.24 -13.84 5.37
N SER B 174 18.18 -14.20 6.11
CA SER B 174 17.61 -13.32 7.12
C SER B 174 17.03 -14.15 8.26
N ASP B 175 17.17 -13.60 9.48
CA ASP B 175 16.61 -14.19 10.69
C ASP B 175 15.87 -13.14 11.51
N ILE B 176 14.69 -13.48 11.98
CA ILE B 176 13.92 -12.64 12.89
C ILE B 176 14.44 -12.80 14.31
N GLN B 177 14.74 -11.68 14.97
CA GLN B 177 15.25 -11.67 16.34
C GLN B 177 14.10 -11.54 17.35
N ILE B 178 14.45 -11.69 18.62
CA ILE B 178 13.51 -11.62 19.74
C ILE B 178 12.39 -12.65 19.59
#